data_1GCV
#
_entry.id   1GCV
#
_cell.length_a   57.68
_cell.length_b   90.55
_cell.length_c   61.45
_cell.angle_alpha   90.00
_cell.angle_beta   98.45
_cell.angle_gamma   90.00
#
_symmetry.space_group_name_H-M   'P 1 21 1'
#
loop_
_entity.id
_entity.type
_entity.pdbx_description
1 polymer HEMOGLOBIN
2 polymer HEMOGLOBIN
3 non-polymer 'PROTOPORPHYRIN IX CONTAINING FE'
4 water water
#
loop_
_entity_poly.entity_id
_entity_poly.type
_entity_poly.pdbx_seq_one_letter_code
_entity_poly.pdbx_strand_id
1 'polypeptide(L)'
;AFTACEKQTIGKIAQVLAKSPEAYGAECLARLFVTHPGSKSYFEYKDYSAAGAKVQVHGGKVIRAVVKAAEHVDDLHSHL
ETLALTHGKKLLVDPQNFPMLSECIIVTLATHLTEFSPDTHCAVDKLLSAICQELSSRYR
;
A,C
2 'polypeptide(L)'
;VHWTQEERDEISKTFQGTDMKTVVTQALDRMFKVYPWTNRYFQKRTDFRSSIHAGIVVGALQDAVKHMDDVKTLFKDLSK
KHADDLHVDPGSFHLLTDCIIVELAYLRKDCFTPHIQGIWDKFFEVVIDAISKQYH
;
B,D
#
loop_
_chem_comp.id
_chem_comp.type
_chem_comp.name
_chem_comp.formula
HEM non-polymer 'PROTOPORPHYRIN IX CONTAINING FE' 'C34 H32 Fe N4 O4'
#
# COMPACT_ATOMS: atom_id res chain seq x y z
N ALA A 1 -15.21 -15.97 7.51
CA ALA A 1 -14.02 -16.84 7.28
C ALA A 1 -13.26 -17.03 8.58
N PHE A 2 -13.99 -17.32 9.66
CA PHE A 2 -13.37 -17.51 10.97
C PHE A 2 -13.71 -18.86 11.60
N THR A 3 -12.69 -19.70 11.76
CA THR A 3 -12.86 -21.02 12.35
C THR A 3 -13.18 -20.87 13.83
N ALA A 4 -13.66 -21.94 14.45
CA ALA A 4 -14.00 -21.91 15.88
C ALA A 4 -12.76 -21.64 16.73
N CYS A 5 -11.60 -22.03 16.21
CA CYS A 5 -10.34 -21.84 16.92
C CYS A 5 -9.94 -20.36 16.96
N GLU A 6 -10.16 -19.67 15.85
CA GLU A 6 -9.83 -18.26 15.76
C GLU A 6 -10.83 -17.42 16.55
N LYS A 7 -12.04 -17.96 16.70
CA LYS A 7 -13.12 -17.31 17.43
C LYS A 7 -12.79 -17.26 18.92
N GLN A 8 -12.18 -18.32 19.43
CA GLN A 8 -11.81 -18.40 20.84
C GLN A 8 -10.64 -17.47 21.17
N THR A 9 -9.66 -17.38 20.27
CA THR A 9 -8.50 -16.50 20.48
C THR A 9 -8.96 -15.04 20.44
N ILE A 10 -9.80 -14.71 19.46
CA ILE A 10 -10.32 -13.36 19.29
C ILE A 10 -11.10 -12.95 20.55
N GLY A 11 -12.02 -13.79 20.99
CA GLY A 11 -12.81 -13.49 22.17
C GLY A 11 -11.93 -13.34 23.39
N LYS A 12 -10.86 -14.14 23.45
CA LYS A 12 -9.93 -14.08 24.57
C LYS A 12 -9.17 -12.76 24.54
N ILE A 13 -8.86 -12.27 23.34
CA ILE A 13 -8.13 -11.01 23.18
C ILE A 13 -9.05 -9.80 23.39
N ALA A 14 -10.32 -9.94 23.03
CA ALA A 14 -11.28 -8.86 23.23
C ALA A 14 -11.51 -8.64 24.73
N GLN A 15 -11.32 -9.70 25.52
CA GLN A 15 -11.47 -9.65 26.97
C GLN A 15 -10.38 -8.80 27.60
N VAL A 16 -9.15 -8.98 27.12
CA VAL A 16 -7.98 -8.26 27.60
C VAL A 16 -8.06 -6.76 27.29
N LEU A 17 -8.43 -6.44 26.05
CA LEU A 17 -8.56 -5.06 25.62
C LEU A 17 -9.69 -4.31 26.33
N ALA A 18 -10.76 -5.02 26.67
CA ALA A 18 -11.90 -4.41 27.34
C ALA A 18 -11.57 -3.88 28.74
N LYS A 19 -10.53 -4.44 29.36
CA LYS A 19 -10.11 -4.04 30.70
C LYS A 19 -9.71 -2.56 30.79
N SER A 20 -8.95 -2.09 29.82
CA SER A 20 -8.50 -0.70 29.79
C SER A 20 -8.43 -0.21 28.34
N PRO A 21 -9.59 0.04 27.71
CA PRO A 21 -9.67 0.51 26.32
C PRO A 21 -8.85 1.77 26.00
N GLU A 22 -8.95 2.78 26.87
CA GLU A 22 -8.23 4.04 26.67
C GLU A 22 -6.69 3.91 26.63
N ALA A 23 -6.13 3.14 27.56
CA ALA A 23 -4.68 2.95 27.62
C ALA A 23 -4.14 2.24 26.39
N TYR A 24 -4.77 1.12 26.02
CA TYR A 24 -4.35 0.37 24.84
C TYR A 24 -4.54 1.20 23.57
N GLY A 25 -5.73 1.80 23.44
CA GLY A 25 -6.04 2.60 22.27
C GLY A 25 -5.14 3.80 22.11
N ALA A 26 -4.77 4.43 23.22
CA ALA A 26 -3.89 5.59 23.20
C ALA A 26 -2.52 5.17 22.68
N GLU A 27 -2.04 4.01 23.15
CA GLU A 27 -0.75 3.52 22.72
C GLU A 27 -0.77 3.18 21.23
N CYS A 28 -1.87 2.60 20.75
CA CYS A 28 -2.00 2.24 19.34
C CYS A 28 -1.88 3.47 18.45
N LEU A 29 -2.59 4.53 18.83
CA LEU A 29 -2.57 5.77 18.07
C LEU A 29 -1.20 6.46 18.11
N ALA A 30 -0.52 6.40 19.24
CA ALA A 30 0.80 7.02 19.37
C ALA A 30 1.82 6.36 18.45
N ARG A 31 1.71 5.05 18.28
CA ARG A 31 2.63 4.34 17.40
C ARG A 31 2.34 4.76 15.97
N LEU A 32 1.06 4.91 15.65
CA LEU A 32 0.65 5.30 14.30
C LEU A 32 1.14 6.71 13.99
N PHE A 33 1.00 7.61 14.96
CA PHE A 33 1.44 8.98 14.76
C PHE A 33 2.95 9.08 14.62
N VAL A 34 3.68 8.15 15.21
CA VAL A 34 5.14 8.18 15.11
C VAL A 34 5.60 7.56 13.80
N THR A 35 5.01 6.43 13.44
CA THR A 35 5.39 5.73 12.22
C THR A 35 4.76 6.26 10.92
N HIS A 36 3.57 6.85 11.02
CA HIS A 36 2.89 7.40 9.84
C HIS A 36 2.35 8.78 10.23
N PRO A 37 3.26 9.77 10.29
CA PRO A 37 2.94 11.16 10.65
C PRO A 37 1.79 11.78 9.86
N GLY A 38 1.63 11.38 8.61
CA GLY A 38 0.56 11.91 7.79
C GLY A 38 -0.81 11.70 8.41
N SER A 39 -0.93 10.67 9.24
CA SER A 39 -2.20 10.39 9.88
C SER A 39 -2.56 11.40 10.96
N LYS A 40 -1.61 12.23 11.36
CA LYS A 40 -1.87 13.25 12.37
C LYS A 40 -2.77 14.32 11.76
N SER A 41 -2.80 14.35 10.44
CA SER A 41 -3.58 15.34 9.71
C SER A 41 -5.09 15.39 10.02
N TYR A 42 -5.63 14.33 10.60
CA TYR A 42 -7.05 14.30 10.91
C TYR A 42 -7.40 14.80 12.30
N PHE A 43 -6.39 14.90 13.16
CA PHE A 43 -6.60 15.33 14.53
C PHE A 43 -5.90 16.62 14.90
N GLU A 44 -6.64 17.51 15.55
CA GLU A 44 -6.08 18.79 15.99
C GLU A 44 -5.73 18.65 17.47
N TYR A 45 -4.65 17.91 17.74
CA TYR A 45 -4.18 17.68 19.10
C TYR A 45 -2.89 18.46 19.30
N LYS A 46 -2.53 18.69 20.56
CA LYS A 46 -1.29 19.39 20.88
C LYS A 46 -0.30 18.31 21.31
N ASP A 47 -0.84 17.25 21.93
CA ASP A 47 -0.05 16.13 22.39
C ASP A 47 -0.48 14.89 21.60
N TYR A 48 0.47 14.33 20.84
CA TYR A 48 0.21 13.14 20.03
C TYR A 48 0.84 11.91 20.66
N SER A 49 1.21 12.02 21.94
CA SER A 49 1.80 10.92 22.67
C SER A 49 0.69 10.14 23.39
N ALA A 50 1.04 8.96 23.91
CA ALA A 50 0.10 8.10 24.60
C ALA A 50 -0.54 8.79 25.81
N ALA A 51 0.12 9.82 26.34
CA ALA A 51 -0.38 10.55 27.50
C ALA A 51 -1.40 11.64 27.20
N GLY A 52 -1.50 12.03 25.94
CA GLY A 52 -2.45 13.08 25.56
C GLY A 52 -3.86 12.73 25.92
N ALA A 53 -4.58 13.68 26.54
CA ALA A 53 -5.95 13.44 26.93
C ALA A 53 -6.86 13.13 25.74
N LYS A 54 -6.68 13.86 24.65
CA LYS A 54 -7.51 13.64 23.46
C LYS A 54 -7.18 12.30 22.78
N VAL A 55 -5.93 11.89 22.86
CA VAL A 55 -5.51 10.64 22.26
C VAL A 55 -6.11 9.49 23.08
N GLN A 56 -6.16 9.65 24.39
CA GLN A 56 -6.73 8.64 25.27
C GLN A 56 -8.21 8.42 24.99
N VAL A 57 -8.97 9.51 24.82
CA VAL A 57 -10.40 9.41 24.56
C VAL A 57 -10.68 8.75 23.22
N HIS A 58 -9.93 9.14 22.20
CA HIS A 58 -10.09 8.57 20.86
C HIS A 58 -9.60 7.13 20.84
N GLY A 59 -8.46 6.89 21.48
CA GLY A 59 -7.92 5.55 21.54
C GLY A 59 -8.96 4.62 22.11
N GLY A 60 -9.63 5.10 23.16
CA GLY A 60 -10.67 4.32 23.83
C GLY A 60 -11.87 4.03 22.95
N LYS A 61 -12.28 5.02 22.15
CA LYS A 61 -13.43 4.84 21.27
C LYS A 61 -13.08 3.77 20.23
N VAL A 62 -11.86 3.80 19.74
CA VAL A 62 -11.39 2.85 18.74
C VAL A 62 -11.33 1.42 19.25
N ILE A 63 -10.72 1.22 20.42
CA ILE A 63 -10.60 -0.12 20.97
C ILE A 63 -11.95 -0.71 21.38
N ARG A 64 -12.83 0.12 21.94
CA ARG A 64 -14.15 -0.37 22.34
C ARG A 64 -14.86 -0.90 21.09
N ALA A 65 -14.72 -0.19 19.97
CA ALA A 65 -15.35 -0.61 18.72
C ALA A 65 -14.74 -1.93 18.25
N VAL A 66 -13.45 -2.11 18.53
CA VAL A 66 -12.75 -3.34 18.14
C VAL A 66 -13.28 -4.48 19.01
N VAL A 67 -13.40 -4.23 20.30
CA VAL A 67 -13.88 -5.22 21.24
C VAL A 67 -15.29 -5.66 20.84
N LYS A 68 -16.14 -4.71 20.49
CA LYS A 68 -17.51 -5.01 20.11
C LYS A 68 -17.56 -5.79 18.79
N ALA A 69 -16.65 -5.47 17.88
CA ALA A 69 -16.61 -6.16 16.60
C ALA A 69 -16.19 -7.60 16.85
N ALA A 70 -15.27 -7.80 17.79
CA ALA A 70 -14.80 -9.13 18.10
C ALA A 70 -15.95 -9.98 18.65
N GLU A 71 -16.91 -9.33 19.30
CA GLU A 71 -18.07 -10.02 19.87
C GLU A 71 -19.15 -10.30 18.82
N HIS A 72 -19.17 -9.51 17.75
CA HIS A 72 -20.16 -9.70 16.69
C HIS A 72 -19.47 -10.18 15.43
N VAL A 73 -18.44 -11.01 15.61
CA VAL A 73 -17.68 -11.52 14.48
C VAL A 73 -18.54 -12.33 13.51
N ASP A 74 -19.68 -12.84 13.99
CA ASP A 74 -20.57 -13.64 13.15
C ASP A 74 -21.36 -12.79 12.17
N ASP A 75 -21.47 -11.50 12.46
CA ASP A 75 -22.19 -10.58 11.58
C ASP A 75 -21.46 -9.25 11.55
N LEU A 76 -20.23 -9.26 11.05
CA LEU A 76 -19.43 -8.04 10.98
C LEU A 76 -20.01 -6.96 10.05
N HIS A 77 -20.55 -7.36 8.90
CA HIS A 77 -21.10 -6.40 7.95
C HIS A 77 -22.27 -5.55 8.45
N SER A 78 -23.24 -6.16 9.13
CA SER A 78 -24.38 -5.41 9.64
C SER A 78 -24.01 -4.66 10.92
N HIS A 79 -23.06 -5.20 11.67
CA HIS A 79 -22.65 -4.58 12.91
C HIS A 79 -21.81 -3.30 12.74
N LEU A 80 -20.87 -3.31 11.79
CA LEU A 80 -20.01 -2.15 11.55
C LEU A 80 -20.56 -1.16 10.52
N GLU A 81 -21.79 -1.40 10.06
CA GLU A 81 -22.41 -0.53 9.07
C GLU A 81 -22.44 0.93 9.49
N THR A 82 -22.93 1.20 10.69
CA THR A 82 -22.99 2.58 11.15
C THR A 82 -21.59 3.18 11.22
N LEU A 83 -20.63 2.41 11.69
CA LEU A 83 -19.25 2.88 11.80
C LEU A 83 -18.65 3.08 10.40
N ALA A 84 -19.06 2.25 9.44
CA ALA A 84 -18.58 2.34 8.08
C ALA A 84 -19.14 3.60 7.41
N LEU A 85 -20.40 3.91 7.69
CA LEU A 85 -21.03 5.10 7.12
C LEU A 85 -20.38 6.35 7.67
N THR A 86 -19.99 6.33 8.95
CA THR A 86 -19.36 7.47 9.60
C THR A 86 -17.99 7.87 9.02
N HIS A 87 -17.14 6.89 8.73
CA HIS A 87 -15.82 7.16 8.16
C HIS A 87 -15.90 7.52 6.68
N GLY A 88 -16.74 6.79 5.95
CA GLY A 88 -16.87 7.02 4.52
C GLY A 88 -17.73 8.18 4.06
N LYS A 89 -18.76 8.53 4.83
CA LYS A 89 -19.65 9.63 4.45
C LYS A 89 -19.51 10.89 5.27
N LYS A 90 -19.05 10.78 6.51
CA LYS A 90 -18.89 11.96 7.35
C LYS A 90 -17.44 12.36 7.57
N LEU A 91 -16.65 11.47 8.19
CA LEU A 91 -15.24 11.77 8.47
C LEU A 91 -14.38 11.81 7.22
N LEU A 92 -14.75 11.02 6.21
CA LEU A 92 -14.03 10.98 4.95
C LEU A 92 -12.52 10.73 5.14
N VAL A 93 -12.21 9.75 5.98
CA VAL A 93 -10.84 9.37 6.27
C VAL A 93 -10.32 8.51 5.11
N ASP A 94 -9.15 8.86 4.56
CA ASP A 94 -8.61 8.08 3.45
C ASP A 94 -8.43 6.65 3.95
N PRO A 95 -9.08 5.67 3.28
CA PRO A 95 -8.99 4.26 3.66
C PRO A 95 -7.59 3.67 3.77
N GLN A 96 -6.61 4.30 3.10
CA GLN A 96 -5.23 3.81 3.15
C GLN A 96 -4.67 3.83 4.56
N ASN A 97 -5.34 4.54 5.46
CA ASN A 97 -4.90 4.63 6.85
C ASN A 97 -5.30 3.45 7.73
N PHE A 98 -6.44 2.81 7.43
CA PHE A 98 -6.94 1.70 8.23
C PHE A 98 -5.91 0.60 8.46
N PRO A 99 -5.30 0.06 7.40
CA PRO A 99 -4.28 -0.99 7.55
C PRO A 99 -3.05 -0.52 8.35
N MET A 100 -2.74 0.76 8.27
CA MET A 100 -1.61 1.33 8.99
C MET A 100 -1.88 1.21 10.50
N LEU A 101 -3.10 1.55 10.92
CA LEU A 101 -3.47 1.46 12.33
C LEU A 101 -3.55 0.00 12.79
N SER A 102 -3.96 -0.89 11.88
CA SER A 102 -4.04 -2.30 12.24
C SER A 102 -2.69 -2.87 12.66
N GLU A 103 -1.62 -2.47 11.96
CA GLU A 103 -0.30 -2.94 12.31
C GLU A 103 0.18 -2.41 13.65
N CYS A 104 -0.26 -1.20 14.02
CA CYS A 104 0.13 -0.61 15.30
C CYS A 104 -0.62 -1.25 16.46
N ILE A 105 -1.82 -1.76 16.20
CA ILE A 105 -2.60 -2.46 17.21
C ILE A 105 -1.87 -3.78 17.46
N ILE A 106 -1.38 -4.39 16.38
CA ILE A 106 -0.66 -5.65 16.50
C ILE A 106 0.60 -5.44 17.34
N VAL A 107 1.36 -4.39 17.05
CA VAL A 107 2.58 -4.12 17.82
C VAL A 107 2.23 -3.83 19.28
N THR A 108 1.13 -3.11 19.50
CA THR A 108 0.72 -2.78 20.87
C THR A 108 0.37 -4.06 21.63
N LEU A 109 -0.31 -5.00 20.99
CA LEU A 109 -0.68 -6.26 21.65
C LEU A 109 0.56 -7.09 22.00
N ALA A 110 1.56 -7.06 21.14
CA ALA A 110 2.80 -7.81 21.37
C ALA A 110 3.58 -7.33 22.59
N THR A 111 3.54 -6.03 22.87
CA THR A 111 4.26 -5.47 24.01
C THR A 111 3.53 -5.69 25.33
N HIS A 112 2.26 -6.09 25.25
CA HIS A 112 1.46 -6.31 26.45
C HIS A 112 1.19 -7.79 26.71
N LEU A 113 0.51 -8.44 25.78
CA LEU A 113 0.18 -9.86 25.91
C LEU A 113 1.37 -10.73 26.34
N THR A 114 1.10 -11.67 27.24
CA THR A 114 2.12 -12.58 27.75
C THR A 114 2.51 -13.53 26.62
N GLU A 115 1.50 -13.99 25.88
CA GLU A 115 1.75 -14.88 24.76
C GLU A 115 1.19 -14.28 23.47
N PHE A 116 2.05 -14.15 22.47
CA PHE A 116 1.63 -13.62 21.18
C PHE A 116 2.32 -14.43 20.08
N SER A 117 1.91 -15.69 19.97
CA SER A 117 2.46 -16.60 18.99
C SER A 117 1.89 -16.32 17.61
N PRO A 118 2.59 -16.79 16.57
CA PRO A 118 2.16 -16.60 15.18
C PRO A 118 0.67 -16.91 14.95
N ASP A 119 0.15 -17.92 15.65
CA ASP A 119 -1.24 -18.31 15.51
C ASP A 119 -2.23 -17.26 16.03
N THR A 120 -1.90 -16.67 17.18
CA THR A 120 -2.73 -15.63 17.80
C THR A 120 -2.67 -14.40 16.90
N HIS A 121 -1.45 -14.11 16.44
CA HIS A 121 -1.17 -12.99 15.55
C HIS A 121 -2.02 -13.10 14.29
N CYS A 122 -2.01 -14.29 13.70
CA CYS A 122 -2.78 -14.54 12.51
C CYS A 122 -4.29 -14.32 12.74
N ALA A 123 -4.81 -14.86 13.85
CA ALA A 123 -6.23 -14.72 14.17
C ALA A 123 -6.60 -13.25 14.35
N VAL A 124 -5.74 -12.51 15.05
CA VAL A 124 -5.98 -11.10 15.30
C VAL A 124 -5.85 -10.29 14.01
N ASP A 125 -4.85 -10.61 13.19
CA ASP A 125 -4.63 -9.90 11.93
C ASP A 125 -5.82 -10.11 11.00
N LYS A 126 -6.44 -11.28 11.06
CA LYS A 126 -7.58 -11.60 10.23
C LYS A 126 -8.82 -10.81 10.65
N LEU A 127 -8.96 -10.54 11.94
CA LEU A 127 -10.11 -9.78 12.43
C LEU A 127 -9.96 -8.32 11.99
N LEU A 128 -8.77 -7.75 12.22
CA LEU A 128 -8.51 -6.36 11.85
C LEU A 128 -8.69 -6.13 10.35
N SER A 129 -8.29 -7.09 9.54
CA SER A 129 -8.44 -6.96 8.10
C SER A 129 -9.91 -6.92 7.73
N ALA A 130 -10.70 -7.80 8.35
CA ALA A 130 -12.14 -7.86 8.10
C ALA A 130 -12.78 -6.56 8.52
N ILE A 131 -12.31 -6.01 9.63
CA ILE A 131 -12.84 -4.75 10.15
C ILE A 131 -12.45 -3.61 9.20
N CYS A 132 -11.21 -3.63 8.71
CA CYS A 132 -10.76 -2.59 7.80
C CYS A 132 -11.53 -2.63 6.50
N GLN A 133 -11.86 -3.82 6.01
CA GLN A 133 -12.59 -3.94 4.75
C GLN A 133 -14.04 -3.43 4.87
N GLU A 134 -14.64 -3.59 6.05
CA GLU A 134 -15.99 -3.12 6.29
C GLU A 134 -15.98 -1.60 6.37
N LEU A 135 -14.99 -1.06 7.08
CA LEU A 135 -14.83 0.38 7.26
C LEU A 135 -14.51 1.14 5.97
N SER A 136 -13.99 0.43 4.97
CA SER A 136 -13.66 1.04 3.68
C SER A 136 -14.76 0.79 2.65
N SER A 137 -15.82 0.10 3.06
CA SER A 137 -16.89 -0.26 2.14
C SER A 137 -17.98 0.75 1.79
N ARG A 138 -17.99 1.91 2.43
CA ARG A 138 -19.03 2.90 2.12
C ARG A 138 -18.52 4.26 1.70
N TYR A 139 -17.44 4.29 0.92
CA TYR A 139 -16.88 5.56 0.46
C TYR A 139 -17.42 5.99 -0.89
N ARG A 140 -17.71 5.02 -1.76
CA ARG A 140 -18.21 5.31 -3.09
C ARG A 140 -18.99 4.14 -3.66
N VAL B 1 18.88 9.60 3.63
CA VAL B 1 18.54 9.38 5.05
C VAL B 1 19.66 9.88 5.96
N HIS B 2 19.28 10.51 7.07
CA HIS B 2 20.23 11.03 8.04
C HIS B 2 19.94 10.41 9.39
N TRP B 3 21.00 9.95 10.05
CA TRP B 3 20.83 9.33 11.36
C TRP B 3 21.29 10.25 12.48
N THR B 4 20.58 10.21 13.60
CA THR B 4 20.95 10.99 14.78
C THR B 4 21.81 10.01 15.56
N GLN B 5 22.60 10.50 16.50
CA GLN B 5 23.44 9.60 17.29
C GLN B 5 22.58 8.63 18.11
N GLU B 6 21.42 9.10 18.59
CA GLU B 6 20.52 8.26 19.37
C GLU B 6 20.03 7.06 18.56
N GLU B 7 19.73 7.28 17.29
CA GLU B 7 19.26 6.21 16.42
C GLU B 7 20.36 5.21 16.15
N ARG B 8 21.57 5.72 15.87
CA ARG B 8 22.71 4.86 15.63
C ARG B 8 22.93 3.97 16.85
N ASP B 9 22.92 4.60 18.03
CA ASP B 9 23.13 3.89 19.28
C ASP B 9 22.08 2.82 19.56
N GLU B 10 20.81 3.16 19.35
CA GLU B 10 19.74 2.21 19.59
C GLU B 10 19.92 0.97 18.72
N ILE B 11 20.21 1.18 17.45
CA ILE B 11 20.38 0.08 16.52
C ILE B 11 21.65 -0.73 16.79
N SER B 12 22.78 -0.05 16.90
CA SER B 12 24.06 -0.72 17.14
C SER B 12 24.08 -1.45 18.48
N LYS B 13 23.53 -0.82 19.52
CA LYS B 13 23.50 -1.45 20.84
C LYS B 13 22.64 -2.71 20.86
N THR B 14 21.48 -2.65 20.22
CA THR B 14 20.57 -3.81 20.19
C THR B 14 21.23 -5.00 19.49
N PHE B 15 22.00 -4.72 18.45
CA PHE B 15 22.66 -5.77 17.71
C PHE B 15 23.83 -6.39 18.46
N GLN B 16 24.36 -5.65 19.41
CA GLN B 16 25.50 -6.13 20.19
C GLN B 16 25.09 -6.74 21.53
N GLY B 17 23.88 -6.41 21.99
CA GLY B 17 23.41 -6.91 23.28
C GLY B 17 22.16 -7.77 23.29
N THR B 18 21.55 -7.94 22.11
CA THR B 18 20.34 -8.77 22.00
C THR B 18 20.67 -9.92 21.05
N ASP B 19 20.04 -11.07 21.30
CA ASP B 19 20.25 -12.25 20.46
C ASP B 19 19.35 -12.11 19.23
N MET B 20 19.83 -11.30 18.27
CA MET B 20 19.08 -11.05 17.04
C MET B 20 18.87 -12.30 16.19
N LYS B 21 19.73 -13.30 16.38
CA LYS B 21 19.59 -14.54 15.62
C LYS B 21 18.27 -15.21 16.03
N THR B 22 18.00 -15.25 17.32
CA THR B 22 16.78 -15.86 17.81
C THR B 22 15.58 -15.01 17.42
N VAL B 23 15.74 -13.70 17.54
CA VAL B 23 14.66 -12.79 17.19
C VAL B 23 14.29 -12.98 15.73
N VAL B 24 15.29 -13.01 14.85
CA VAL B 24 15.02 -13.18 13.43
C VAL B 24 14.49 -14.59 13.11
N THR B 25 14.91 -15.59 13.88
CA THR B 25 14.44 -16.96 13.65
C THR B 25 12.94 -17.01 13.89
N GLN B 26 12.51 -16.40 14.99
CA GLN B 26 11.10 -16.37 15.35
C GLN B 26 10.31 -15.46 14.41
N ALA B 27 10.97 -14.46 13.85
CA ALA B 27 10.32 -13.53 12.94
C ALA B 27 10.01 -14.23 11.62
N LEU B 28 10.92 -15.10 11.20
CA LEU B 28 10.74 -15.85 9.96
C LEU B 28 9.57 -16.81 10.12
N ASP B 29 9.56 -17.54 11.23
CA ASP B 29 8.48 -18.49 11.50
C ASP B 29 7.14 -17.76 11.61
N ARG B 30 7.15 -16.58 12.22
CA ARG B 30 5.93 -15.78 12.37
C ARG B 30 5.45 -15.42 10.98
N MET B 31 6.39 -15.00 10.13
CA MET B 31 6.08 -14.60 8.76
C MET B 31 5.45 -15.72 7.94
N PHE B 32 5.97 -16.94 8.08
CA PHE B 32 5.44 -18.08 7.33
C PHE B 32 4.02 -18.43 7.75
N LYS B 33 3.64 -18.06 8.96
CA LYS B 33 2.30 -18.34 9.45
C LYS B 33 1.28 -17.23 9.16
N VAL B 34 1.68 -15.97 9.37
CA VAL B 34 0.77 -14.84 9.13
C VAL B 34 0.64 -14.48 7.66
N TYR B 35 1.73 -14.64 6.90
CA TYR B 35 1.76 -14.35 5.47
C TYR B 35 2.26 -15.62 4.77
N PRO B 36 1.42 -16.66 4.71
CA PRO B 36 1.72 -17.97 4.09
C PRO B 36 2.34 -17.99 2.70
N TRP B 37 1.99 -17.03 1.87
CA TRP B 37 2.54 -16.99 0.52
C TRP B 37 4.05 -16.85 0.47
N THR B 38 4.66 -16.37 1.55
CA THR B 38 6.12 -16.19 1.57
C THR B 38 6.85 -17.53 1.64
N ASN B 39 6.09 -18.61 1.86
CA ASN B 39 6.65 -19.96 1.94
C ASN B 39 7.12 -20.37 0.56
N ARG B 40 6.50 -19.76 -0.44
CA ARG B 40 6.79 -20.00 -1.84
C ARG B 40 8.27 -20.25 -2.14
N TYR B 41 9.13 -19.39 -1.61
CA TYR B 41 10.58 -19.49 -1.85
C TYR B 41 11.33 -20.61 -1.14
N PHE B 42 10.78 -21.13 -0.05
CA PHE B 42 11.47 -22.18 0.70
C PHE B 42 10.89 -23.59 0.64
N GLN B 43 9.63 -23.72 0.24
CA GLN B 43 9.03 -25.05 0.16
C GLN B 43 9.82 -25.91 -0.81
N LYS B 44 10.68 -25.27 -1.61
CA LYS B 44 11.51 -25.95 -2.60
C LYS B 44 12.86 -26.41 -2.06
N ARG B 45 13.40 -25.66 -1.11
CA ARG B 45 14.68 -26.03 -0.51
C ARG B 45 14.35 -27.00 0.60
N THR B 46 14.51 -28.30 0.31
CA THR B 46 14.22 -29.35 1.27
C THR B 46 14.96 -29.23 2.60
N ASP B 47 16.21 -28.77 2.56
CA ASP B 47 17.00 -28.64 3.78
C ASP B 47 17.03 -27.24 4.39
N PHE B 48 16.10 -26.39 3.98
CA PHE B 48 16.02 -25.04 4.53
C PHE B 48 15.72 -25.12 6.03
N ARG B 49 16.34 -24.22 6.79
CA ARG B 49 16.15 -24.16 8.24
C ARG B 49 16.01 -22.70 8.63
N SER B 50 14.97 -22.36 9.39
CA SER B 50 14.75 -20.98 9.83
C SER B 50 15.95 -20.46 10.62
N SER B 51 16.51 -21.32 11.46
CA SER B 51 17.66 -20.98 12.30
C SER B 51 18.89 -20.56 11.51
N ILE B 52 19.20 -21.33 10.47
CA ILE B 52 20.36 -21.05 9.63
C ILE B 52 20.13 -19.79 8.81
N HIS B 53 18.95 -19.70 8.21
CA HIS B 53 18.58 -18.57 7.38
C HIS B 53 18.62 -17.26 8.18
N ALA B 54 18.06 -17.29 9.39
CA ALA B 54 18.05 -16.12 10.25
C ALA B 54 19.49 -15.65 10.47
N GLY B 55 20.40 -16.60 10.70
CA GLY B 55 21.78 -16.26 10.93
C GLY B 55 22.37 -15.56 9.72
N ILE B 56 21.99 -16.02 8.54
CA ILE B 56 22.47 -15.42 7.30
C ILE B 56 21.88 -14.03 7.10
N VAL B 57 20.63 -13.84 7.53
CA VAL B 57 19.98 -12.55 7.39
C VAL B 57 20.54 -11.54 8.40
N VAL B 58 20.76 -11.99 9.64
CA VAL B 58 21.30 -11.14 10.69
C VAL B 58 22.72 -10.72 10.38
N GLY B 59 23.44 -11.58 9.67
CA GLY B 59 24.81 -11.29 9.28
C GLY B 59 24.87 -10.12 8.32
N ALA B 60 23.81 -9.98 7.51
CA ALA B 60 23.71 -8.90 6.53
C ALA B 60 23.27 -7.61 7.24
N LEU B 61 22.29 -7.73 8.13
CA LEU B 61 21.80 -6.58 8.88
C LEU B 61 22.93 -6.02 9.74
N GLN B 62 23.68 -6.92 10.38
CA GLN B 62 24.81 -6.54 11.22
C GLN B 62 25.79 -5.72 10.40
N ASP B 63 25.94 -6.09 9.13
CA ASP B 63 26.84 -5.40 8.21
C ASP B 63 26.26 -4.03 7.87
N ALA B 64 24.94 -3.97 7.65
CA ALA B 64 24.28 -2.72 7.33
C ALA B 64 24.43 -1.75 8.49
N VAL B 65 24.42 -2.28 9.70
CA VAL B 65 24.55 -1.47 10.90
C VAL B 65 25.93 -0.80 10.98
N LYS B 66 26.95 -1.47 10.45
CA LYS B 66 28.32 -0.93 10.46
C LYS B 66 28.58 0.13 9.39
N HIS B 67 27.81 0.07 8.30
CA HIS B 67 27.94 1.02 7.20
C HIS B 67 26.56 1.64 7.00
N MET B 68 25.94 2.07 8.09
CA MET B 68 24.59 2.66 8.08
C MET B 68 24.38 3.82 7.12
N ASP B 69 25.45 4.50 6.72
CA ASP B 69 25.30 5.63 5.81
C ASP B 69 25.47 5.25 4.35
N ASP B 70 25.84 3.99 4.11
CA ASP B 70 26.00 3.51 2.75
C ASP B 70 25.40 2.10 2.60
N VAL B 71 24.16 1.93 3.06
CA VAL B 71 23.52 0.62 2.97
C VAL B 71 23.18 0.27 1.52
N LYS B 72 22.87 1.29 0.71
CA LYS B 72 22.55 1.07 -0.70
C LYS B 72 23.73 0.47 -1.47
N THR B 73 24.94 0.98 -1.26
CA THR B 73 26.14 0.48 -1.95
C THR B 73 26.55 -0.89 -1.42
N LEU B 74 26.38 -1.08 -0.12
CA LEU B 74 26.72 -2.33 0.54
C LEU B 74 25.83 -3.50 0.12
N PHE B 75 24.54 -3.22 -0.12
CA PHE B 75 23.58 -4.25 -0.50
C PHE B 75 23.35 -4.36 -2.02
N LYS B 76 24.17 -3.68 -2.82
CA LYS B 76 23.98 -3.73 -4.27
C LYS B 76 23.96 -5.14 -4.83
N ASP B 77 24.92 -5.97 -4.43
CA ASP B 77 25.00 -7.35 -4.91
C ASP B 77 23.91 -8.22 -4.30
N LEU B 78 23.64 -8.04 -3.01
CA LEU B 78 22.60 -8.80 -2.32
C LEU B 78 21.27 -8.53 -3.01
N SER B 79 21.09 -7.28 -3.42
CA SER B 79 19.87 -6.86 -4.09
C SER B 79 19.74 -7.53 -5.46
N LYS B 80 20.86 -7.59 -6.20
CA LYS B 80 20.85 -8.22 -7.53
C LYS B 80 20.62 -9.72 -7.38
N LYS B 81 21.13 -10.29 -6.31
CA LYS B 81 20.97 -11.71 -6.04
C LYS B 81 19.50 -12.05 -5.78
N HIS B 82 18.78 -11.18 -5.08
CA HIS B 82 17.37 -11.43 -4.80
C HIS B 82 16.49 -11.22 -6.03
N ALA B 83 16.86 -10.26 -6.87
CA ALA B 83 16.09 -9.96 -8.08
C ALA B 83 16.33 -10.93 -9.22
N ASP B 84 17.59 -11.15 -9.57
CA ASP B 84 17.94 -12.04 -10.68
C ASP B 84 18.09 -13.52 -10.37
N ASP B 85 18.60 -13.85 -9.20
CA ASP B 85 18.83 -15.24 -8.82
C ASP B 85 17.63 -15.90 -8.14
N LEU B 86 17.24 -15.34 -6.99
CA LEU B 86 16.16 -15.88 -6.19
C LEU B 86 14.74 -15.52 -6.62
N HIS B 87 14.61 -14.43 -7.37
CA HIS B 87 13.31 -13.97 -7.84
C HIS B 87 12.34 -13.76 -6.68
N VAL B 88 12.79 -13.06 -5.65
CA VAL B 88 11.96 -12.77 -4.49
C VAL B 88 11.19 -11.49 -4.79
N ASP B 89 9.88 -11.55 -4.58
CA ASP B 89 9.01 -10.40 -4.81
C ASP B 89 9.40 -9.36 -3.74
N PRO B 90 9.94 -8.21 -4.17
CA PRO B 90 10.35 -7.18 -3.21
C PRO B 90 9.25 -6.69 -2.29
N GLY B 91 8.00 -6.96 -2.67
CA GLY B 91 6.87 -6.54 -1.86
C GLY B 91 6.79 -7.37 -0.59
N SER B 92 7.53 -8.47 -0.57
CA SER B 92 7.55 -9.37 0.57
C SER B 92 8.61 -8.99 1.61
N PHE B 93 9.55 -8.13 1.23
CA PHE B 93 10.61 -7.71 2.15
C PHE B 93 10.09 -7.13 3.47
N HIS B 94 9.09 -6.23 3.40
CA HIS B 94 8.56 -5.62 4.61
C HIS B 94 7.79 -6.61 5.51
N LEU B 95 7.32 -7.72 4.93
CA LEU B 95 6.60 -8.72 5.71
C LEU B 95 7.55 -9.33 6.74
N LEU B 96 8.83 -9.46 6.38
CA LEU B 96 9.81 -10.01 7.31
C LEU B 96 10.19 -8.95 8.34
N THR B 97 10.57 -7.76 7.88
CA THR B 97 10.98 -6.69 8.80
C THR B 97 9.83 -6.31 9.74
N ASP B 98 8.59 -6.38 9.25
CA ASP B 98 7.44 -6.07 10.10
C ASP B 98 7.34 -7.13 11.20
N CYS B 99 7.66 -8.38 10.86
CA CYS B 99 7.60 -9.45 11.85
C CYS B 99 8.73 -9.33 12.86
N ILE B 100 9.87 -8.80 12.42
CA ILE B 100 11.00 -8.59 13.31
C ILE B 100 10.62 -7.50 14.33
N ILE B 101 9.87 -6.50 13.88
CA ILE B 101 9.44 -5.45 14.79
C ILE B 101 8.47 -6.04 15.84
N VAL B 102 7.62 -6.97 15.42
CA VAL B 102 6.68 -7.59 16.35
C VAL B 102 7.45 -8.40 17.41
N GLU B 103 8.50 -9.09 16.97
CA GLU B 103 9.33 -9.89 17.88
C GLU B 103 10.13 -8.98 18.80
N LEU B 104 10.61 -7.84 18.31
CA LEU B 104 11.35 -6.91 19.15
C LEU B 104 10.39 -6.34 20.20
N ALA B 105 9.16 -6.08 19.79
CA ALA B 105 8.13 -5.54 20.68
C ALA B 105 7.77 -6.57 21.75
N TYR B 106 7.64 -7.82 21.32
CA TYR B 106 7.31 -8.90 22.23
C TYR B 106 8.45 -9.17 23.22
N LEU B 107 9.68 -8.94 22.77
CA LEU B 107 10.84 -9.15 23.61
C LEU B 107 11.09 -8.03 24.60
N ARG B 108 11.00 -6.78 24.15
CA ARG B 108 11.23 -5.64 25.02
C ARG B 108 10.01 -5.10 25.78
N LYS B 109 8.84 -5.59 25.43
CA LYS B 109 7.60 -5.20 26.08
C LYS B 109 7.44 -3.68 26.22
N ASP B 110 7.06 -3.23 27.42
CA ASP B 110 6.85 -1.80 27.64
C ASP B 110 8.08 -0.92 27.36
N CYS B 111 9.21 -1.55 27.05
CA CYS B 111 10.42 -0.79 26.76
C CYS B 111 10.48 -0.47 25.27
N PHE B 112 9.63 -1.13 24.49
CA PHE B 112 9.56 -0.88 23.05
C PHE B 112 8.50 0.21 22.86
N THR B 113 8.92 1.44 23.12
CA THR B 113 8.05 2.60 23.02
C THR B 113 7.81 3.05 21.58
N PRO B 114 6.74 3.85 21.37
CA PRO B 114 6.42 4.34 20.02
C PRO B 114 7.65 5.01 19.38
N HIS B 115 8.43 5.70 20.19
CA HIS B 115 9.63 6.38 19.71
C HIS B 115 10.68 5.35 19.26
N ILE B 116 10.89 4.31 20.09
CA ILE B 116 11.85 3.27 19.74
C ILE B 116 11.38 2.51 18.49
N GLN B 117 10.07 2.26 18.38
CA GLN B 117 9.53 1.57 17.21
C GLN B 117 9.81 2.42 15.98
N GLY B 118 9.69 3.73 16.14
CA GLY B 118 9.94 4.65 15.03
C GLY B 118 11.35 4.54 14.50
N ILE B 119 12.33 4.32 15.39
CA ILE B 119 13.73 4.19 14.97
C ILE B 119 13.93 2.93 14.15
N TRP B 120 13.34 1.82 14.61
CA TRP B 120 13.44 0.55 13.91
C TRP B 120 12.69 0.58 12.58
N ASP B 121 11.54 1.22 12.57
CA ASP B 121 10.75 1.34 11.36
C ASP B 121 11.59 2.07 10.32
N LYS B 122 12.25 3.12 10.76
CA LYS B 122 13.11 3.93 9.90
C LYS B 122 14.26 3.10 9.39
N PHE B 123 14.88 2.33 10.27
CA PHE B 123 15.99 1.49 9.88
C PHE B 123 15.57 0.45 8.85
N PHE B 124 14.46 -0.23 9.09
CA PHE B 124 14.00 -1.26 8.16
C PHE B 124 13.53 -0.70 6.83
N GLU B 125 13.12 0.55 6.86
CA GLU B 125 12.67 1.23 5.65
C GLU B 125 13.91 1.46 4.77
N VAL B 126 15.04 1.82 5.40
CA VAL B 126 16.29 2.06 4.69
C VAL B 126 16.84 0.75 4.11
N VAL B 127 16.68 -0.33 4.87
CA VAL B 127 17.15 -1.64 4.45
C VAL B 127 16.30 -2.23 3.29
N ILE B 128 14.99 -2.01 3.34
CA ILE B 128 14.07 -2.49 2.28
C ILE B 128 14.40 -1.77 0.97
N ASP B 129 14.64 -0.48 1.07
CA ASP B 129 14.97 0.35 -0.09
C ASP B 129 16.29 -0.06 -0.72
N ALA B 130 17.30 -0.33 0.11
CA ALA B 130 18.61 -0.73 -0.40
C ALA B 130 18.54 -2.09 -1.10
N ILE B 131 17.81 -3.03 -0.51
CA ILE B 131 17.70 -4.37 -1.08
C ILE B 131 16.70 -4.48 -2.24
N SER B 132 15.89 -3.44 -2.45
CA SER B 132 14.89 -3.41 -3.53
C SER B 132 15.40 -2.59 -4.72
N LYS B 133 16.52 -1.89 -4.50
CA LYS B 133 17.12 -1.04 -5.52
C LYS B 133 17.45 -1.69 -6.88
N GLN B 134 18.14 -2.82 -6.88
CA GLN B 134 18.53 -3.46 -8.13
C GLN B 134 17.44 -4.24 -8.88
N TYR B 135 16.18 -4.02 -8.52
CA TYR B 135 15.10 -4.70 -9.22
C TYR B 135 14.79 -3.87 -10.46
N HIS B 136 15.05 -4.45 -11.63
CA HIS B 136 14.81 -3.76 -12.88
C HIS B 136 13.77 -4.52 -13.70
N ALA C 1 -23.70 -3.91 -4.25
CA ALA C 1 -22.66 -2.85 -4.18
C ALA C 1 -22.50 -2.15 -5.53
N PHE C 2 -23.30 -2.59 -6.51
CA PHE C 2 -23.25 -2.03 -7.86
C PHE C 2 -24.63 -1.54 -8.32
N THR C 3 -24.81 -0.21 -8.42
CA THR C 3 -26.08 0.33 -8.87
C THR C 3 -26.36 -0.23 -10.26
N ALA C 4 -27.61 -0.13 -10.70
CA ALA C 4 -27.98 -0.64 -12.01
C ALA C 4 -27.20 0.05 -13.13
N CYS C 5 -26.75 1.27 -12.88
CA CYS C 5 -26.00 2.03 -13.88
C CYS C 5 -24.53 1.61 -14.01
N GLU C 6 -23.97 1.07 -12.92
CA GLU C 6 -22.58 0.62 -12.94
C GLU C 6 -22.46 -0.70 -13.69
N LYS C 7 -23.48 -1.54 -13.58
CA LYS C 7 -23.49 -2.84 -14.27
C LYS C 7 -23.61 -2.66 -15.78
N GLN C 8 -24.20 -1.54 -16.21
CA GLN C 8 -24.36 -1.27 -17.64
C GLN C 8 -23.03 -0.84 -18.22
N THR C 9 -22.31 0.00 -17.46
CA THR C 9 -21.00 0.48 -17.88
C THR C 9 -20.05 -0.71 -17.85
N ILE C 10 -20.11 -1.50 -16.77
CA ILE C 10 -19.25 -2.67 -16.65
C ILE C 10 -19.55 -3.59 -17.85
N GLY C 11 -20.83 -3.70 -18.20
CA GLY C 11 -21.24 -4.53 -19.32
C GLY C 11 -20.71 -4.05 -20.66
N LYS C 12 -20.47 -2.75 -20.76
CA LYS C 12 -19.95 -2.15 -21.99
C LYS C 12 -18.43 -2.37 -22.11
N ILE C 13 -17.73 -2.23 -21.00
CA ILE C 13 -16.27 -2.41 -20.96
C ILE C 13 -15.87 -3.87 -21.21
N ALA C 14 -16.69 -4.80 -20.71
CA ALA C 14 -16.41 -6.22 -20.85
C ALA C 14 -16.44 -6.68 -22.30
N GLN C 15 -17.27 -6.05 -23.12
CA GLN C 15 -17.38 -6.41 -24.53
C GLN C 15 -16.18 -5.90 -25.34
N VAL C 16 -15.62 -4.77 -24.94
CA VAL C 16 -14.44 -4.19 -25.61
C VAL C 16 -13.22 -5.05 -25.30
N LEU C 17 -13.13 -5.50 -24.05
CA LEU C 17 -12.04 -6.33 -23.60
C LEU C 17 -12.09 -7.71 -24.24
N ALA C 18 -13.30 -8.29 -24.31
CA ALA C 18 -13.48 -9.62 -24.88
C ALA C 18 -13.09 -9.75 -26.35
N LYS C 19 -12.99 -8.63 -27.04
CA LYS C 19 -12.64 -8.65 -28.47
C LYS C 19 -11.18 -8.96 -28.72
N SER C 20 -10.32 -8.54 -27.81
CA SER C 20 -8.89 -8.80 -27.95
C SER C 20 -8.26 -8.96 -26.57
N PRO C 21 -8.55 -10.09 -25.89
CA PRO C 21 -8.01 -10.35 -24.55
C PRO C 21 -6.48 -10.43 -24.50
N GLU C 22 -5.87 -11.03 -25.52
CA GLU C 22 -4.41 -11.17 -25.56
C GLU C 22 -3.72 -9.82 -25.68
N ALA C 23 -4.20 -9.00 -26.62
CA ALA C 23 -3.63 -7.68 -26.85
C ALA C 23 -3.79 -6.79 -25.62
N TYR C 24 -5.02 -6.70 -25.12
CA TYR C 24 -5.32 -5.88 -23.94
C TYR C 24 -4.58 -6.37 -22.70
N GLY C 25 -4.67 -7.66 -22.41
CA GLY C 25 -4.01 -8.21 -21.25
C GLY C 25 -2.51 -8.02 -21.31
N ALA C 26 -1.95 -8.18 -22.51
CA ALA C 26 -0.51 -8.01 -22.69
C ALA C 26 -0.09 -6.59 -22.37
N GLU C 27 -0.89 -5.60 -22.76
CA GLU C 27 -0.55 -4.22 -22.49
C GLU C 27 -0.65 -3.96 -20.99
N CYS C 28 -1.65 -4.54 -20.35
CA CYS C 28 -1.84 -4.37 -18.92
C CYS C 28 -0.64 -4.88 -18.16
N LEU C 29 -0.18 -6.07 -18.51
CA LEU C 29 0.96 -6.67 -17.85
C LEU C 29 2.27 -5.93 -18.15
N ALA C 30 2.42 -5.44 -19.37
CA ALA C 30 3.62 -4.71 -19.75
C ALA C 30 3.78 -3.47 -18.89
N ARG C 31 2.66 -2.78 -18.65
CA ARG C 31 2.65 -1.57 -17.84
C ARG C 31 3.02 -1.94 -16.40
N LEU C 32 2.48 -3.06 -15.91
CA LEU C 32 2.77 -3.52 -14.56
C LEU C 32 4.26 -3.85 -14.44
N PHE C 33 4.82 -4.52 -15.44
CA PHE C 33 6.23 -4.87 -15.41
C PHE C 33 7.16 -3.67 -15.44
N VAL C 34 6.75 -2.60 -16.11
CA VAL C 34 7.57 -1.39 -16.18
C VAL C 34 7.49 -0.57 -14.90
N THR C 35 6.27 -0.32 -14.43
CA THR C 35 6.07 0.49 -13.23
C THR C 35 6.38 -0.23 -11.92
N HIS C 36 6.23 -1.55 -11.90
CA HIS C 36 6.52 -2.34 -10.70
C HIS C 36 7.34 -3.58 -11.07
N PRO C 37 8.63 -3.39 -11.40
CA PRO C 37 9.56 -4.46 -11.78
C PRO C 37 9.57 -5.70 -10.89
N GLY C 38 9.18 -5.52 -9.64
CA GLY C 38 9.15 -6.65 -8.73
C GLY C 38 8.15 -7.72 -9.11
N SER C 39 7.09 -7.34 -9.83
CA SER C 39 6.07 -8.31 -10.24
C SER C 39 6.56 -9.27 -11.31
N LYS C 40 7.71 -8.96 -11.93
CA LYS C 40 8.31 -9.80 -12.97
C LYS C 40 8.84 -11.10 -12.38
N SER C 41 9.15 -11.07 -11.09
CA SER C 41 9.70 -12.23 -10.39
C SER C 41 8.85 -13.50 -10.44
N TYR C 42 7.57 -13.38 -10.78
CA TYR C 42 6.69 -14.54 -10.85
C TYR C 42 6.71 -15.22 -12.22
N PHE C 43 7.20 -14.49 -13.23
CA PHE C 43 7.23 -15.01 -14.59
C PHE C 43 8.63 -15.16 -15.16
N GLU C 44 8.88 -16.28 -15.84
CA GLU C 44 10.18 -16.50 -16.45
C GLU C 44 10.02 -16.30 -17.94
N TYR C 45 10.05 -15.05 -18.37
CA TYR C 45 9.89 -14.70 -19.77
C TYR C 45 11.19 -14.13 -20.31
N LYS C 46 11.32 -14.09 -21.63
CA LYS C 46 12.50 -13.52 -22.26
C LYS C 46 12.13 -12.09 -22.64
N ASP C 47 10.86 -11.90 -22.98
CA ASP C 47 10.32 -10.59 -23.38
C ASP C 47 9.18 -10.19 -22.43
N TYR C 48 9.32 -9.04 -21.77
CA TYR C 48 8.30 -8.58 -20.84
C TYR C 48 7.42 -7.47 -21.41
N SER C 49 7.57 -7.19 -22.70
CA SER C 49 6.78 -6.16 -23.35
C SER C 49 5.47 -6.77 -23.85
N ALA C 50 4.59 -5.93 -24.39
CA ALA C 50 3.30 -6.38 -24.89
C ALA C 50 3.44 -7.20 -26.16
N ALA C 51 4.63 -7.17 -26.75
CA ALA C 51 4.92 -7.90 -27.98
C ALA C 51 5.31 -9.36 -27.72
N GLY C 52 5.52 -9.69 -26.44
CA GLY C 52 5.91 -11.04 -26.09
C GLY C 52 4.77 -12.04 -26.21
N ALA C 53 5.08 -13.24 -26.70
CA ALA C 53 4.08 -14.29 -26.87
C ALA C 53 3.56 -14.82 -25.54
N LYS C 54 4.47 -15.05 -24.60
CA LYS C 54 4.11 -15.56 -23.29
C LYS C 54 3.26 -14.55 -22.54
N VAL C 55 3.63 -13.28 -22.66
CA VAL C 55 2.91 -12.20 -22.01
C VAL C 55 1.48 -12.13 -22.55
N GLN C 56 1.33 -12.39 -23.85
CA GLN C 56 0.01 -12.33 -24.46
C GLN C 56 -0.88 -13.51 -24.08
N VAL C 57 -0.28 -14.68 -23.85
CA VAL C 57 -1.04 -15.85 -23.46
C VAL C 57 -1.57 -15.67 -22.04
N HIS C 58 -0.69 -15.19 -21.16
CA HIS C 58 -1.07 -14.95 -19.78
C HIS C 58 -2.05 -13.79 -19.73
N GLY C 59 -1.73 -12.71 -20.44
CA GLY C 59 -2.59 -11.56 -20.47
C GLY C 59 -3.98 -11.94 -20.93
N GLY C 60 -4.06 -12.94 -21.81
CA GLY C 60 -5.34 -13.39 -22.32
C GLY C 60 -6.18 -14.08 -21.26
N LYS C 61 -5.54 -14.90 -20.44
CA LYS C 61 -6.24 -15.60 -19.37
C LYS C 61 -6.74 -14.59 -18.35
N VAL C 62 -5.91 -13.61 -18.03
CA VAL C 62 -6.27 -12.60 -17.06
C VAL C 62 -7.47 -11.79 -17.52
N ILE C 63 -7.45 -11.30 -18.75
CA ILE C 63 -8.54 -10.47 -19.25
C ILE C 63 -9.85 -11.24 -19.44
N ARG C 64 -9.76 -12.49 -19.86
CA ARG C 64 -10.97 -13.27 -20.04
C ARG C 64 -11.63 -13.51 -18.68
N ALA C 65 -10.80 -13.63 -17.63
CA ALA C 65 -11.31 -13.84 -16.28
C ALA C 65 -12.07 -12.58 -15.84
N VAL C 66 -11.51 -11.42 -16.14
CA VAL C 66 -12.14 -10.15 -15.79
C VAL C 66 -13.47 -10.04 -16.53
N VAL C 67 -13.47 -10.39 -17.81
CA VAL C 67 -14.68 -10.34 -18.61
C VAL C 67 -15.76 -11.19 -17.95
N LYS C 68 -15.40 -12.41 -17.54
CA LYS C 68 -16.34 -13.32 -16.91
C LYS C 68 -16.80 -12.79 -15.56
N ALA C 69 -15.89 -12.17 -14.81
CA ALA C 69 -16.26 -11.62 -13.51
C ALA C 69 -17.24 -10.48 -13.72
N ALA C 70 -17.07 -9.74 -14.81
CA ALA C 70 -17.96 -8.64 -15.12
C ALA C 70 -19.34 -9.20 -15.41
N GLU C 71 -19.36 -10.44 -15.87
CA GLU C 71 -20.60 -11.13 -16.20
C GLU C 71 -21.29 -11.63 -14.93
N HIS C 72 -20.48 -12.01 -13.95
CA HIS C 72 -21.00 -12.53 -12.68
C HIS C 72 -20.79 -11.59 -11.49
N VAL C 73 -21.23 -10.34 -11.63
CA VAL C 73 -21.08 -9.35 -10.56
C VAL C 73 -22.01 -9.62 -9.36
N ASP C 74 -23.22 -10.10 -9.64
CA ASP C 74 -24.21 -10.39 -8.59
C ASP C 74 -23.78 -11.45 -7.60
N ASP C 75 -22.68 -12.13 -7.90
CA ASP C 75 -22.12 -13.16 -7.02
C ASP C 75 -20.65 -13.41 -7.35
N LEU C 76 -19.81 -12.39 -7.14
CA LEU C 76 -18.38 -12.48 -7.41
C LEU C 76 -17.68 -13.47 -6.48
N HIS C 77 -18.17 -13.54 -5.23
CA HIS C 77 -17.58 -14.43 -4.25
C HIS C 77 -17.64 -15.88 -4.69
N SER C 78 -18.78 -16.31 -5.21
CA SER C 78 -18.94 -17.69 -5.64
C SER C 78 -18.28 -17.95 -7.00
N HIS C 79 -18.42 -17.01 -7.92
CA HIS C 79 -17.82 -17.15 -9.25
C HIS C 79 -16.29 -17.16 -9.24
N LEU C 80 -15.70 -16.30 -8.42
CA LEU C 80 -14.25 -16.20 -8.35
C LEU C 80 -13.58 -17.18 -7.37
N GLU C 81 -14.38 -17.95 -6.64
CA GLU C 81 -13.85 -18.89 -5.66
C GLU C 81 -12.66 -19.75 -6.11
N THR C 82 -12.78 -20.36 -7.29
CA THR C 82 -11.71 -21.22 -7.80
C THR C 82 -10.42 -20.48 -8.11
N LEU C 83 -10.52 -19.30 -8.71
CA LEU C 83 -9.33 -18.52 -9.05
C LEU C 83 -8.61 -18.04 -7.80
N ALA C 84 -9.38 -17.74 -6.76
CA ALA C 84 -8.81 -17.26 -5.50
C ALA C 84 -7.97 -18.36 -4.84
N LEU C 85 -8.48 -19.58 -4.88
CA LEU C 85 -7.77 -20.72 -4.29
C LEU C 85 -6.49 -20.98 -5.08
N THR C 86 -6.58 -20.86 -6.39
CA THR C 86 -5.42 -21.08 -7.25
C THR C 86 -4.36 -20.04 -6.91
N HIS C 87 -4.76 -18.81 -6.66
CA HIS C 87 -3.80 -17.76 -6.33
C HIS C 87 -3.34 -17.88 -4.89
N GLY C 88 -4.30 -18.09 -4.00
CA GLY C 88 -4.01 -18.21 -2.59
C GLY C 88 -3.35 -19.50 -2.11
N LYS C 89 -3.75 -20.63 -2.69
CA LYS C 89 -3.21 -21.93 -2.28
C LYS C 89 -2.17 -22.55 -3.20
N LYS C 90 -2.28 -22.31 -4.50
CA LYS C 90 -1.34 -22.92 -5.44
C LYS C 90 -0.20 -22.02 -5.94
N LEU C 91 -0.54 -20.86 -6.49
CA LEU C 91 0.49 -19.96 -7.02
C LEU C 91 1.21 -19.17 -5.94
N LEU C 92 0.50 -18.86 -4.86
CA LEU C 92 1.09 -18.11 -3.77
C LEU C 92 1.69 -16.79 -4.25
N VAL C 93 0.87 -16.01 -4.97
CA VAL C 93 1.28 -14.71 -5.48
C VAL C 93 0.99 -13.68 -4.38
N ASP C 94 1.98 -12.85 -4.04
CA ASP C 94 1.77 -11.83 -2.99
C ASP C 94 0.58 -10.96 -3.40
N PRO C 95 -0.52 -10.98 -2.61
CA PRO C 95 -1.74 -10.20 -2.89
C PRO C 95 -1.55 -8.70 -3.08
N GLN C 96 -0.43 -8.17 -2.61
CA GLN C 96 -0.13 -6.74 -2.75
C GLN C 96 0.00 -6.40 -4.24
N ASN C 97 0.20 -7.42 -5.06
CA ASN C 97 0.32 -7.20 -6.50
C ASN C 97 -1.01 -6.91 -7.20
N PHE C 98 -2.10 -7.47 -6.67
CA PHE C 98 -3.41 -7.29 -7.30
C PHE C 98 -3.83 -5.85 -7.57
N PRO C 99 -3.82 -4.98 -6.55
CA PRO C 99 -4.22 -3.60 -6.83
C PRO C 99 -3.30 -2.88 -7.82
N MET C 100 -2.04 -3.32 -7.92
CA MET C 100 -1.08 -2.70 -8.84
C MET C 100 -1.46 -2.97 -10.30
N LEU C 101 -1.99 -4.17 -10.56
CA LEU C 101 -2.40 -4.54 -11.90
C LEU C 101 -3.72 -3.82 -12.22
N SER C 102 -4.57 -3.67 -11.22
CA SER C 102 -5.84 -2.98 -11.41
C SER C 102 -5.61 -1.59 -11.99
N GLU C 103 -4.63 -0.87 -11.46
CA GLU C 103 -4.36 0.47 -11.95
C GLU C 103 -3.82 0.46 -13.38
N CYS C 104 -3.10 -0.60 -13.73
CA CYS C 104 -2.54 -0.73 -15.08
C CYS C 104 -3.64 -1.11 -16.09
N ILE C 105 -4.68 -1.79 -15.61
CA ILE C 105 -5.81 -2.16 -16.46
C ILE C 105 -6.56 -0.86 -16.75
N ILE C 106 -6.67 -0.01 -15.72
CA ILE C 106 -7.36 1.27 -15.86
C ILE C 106 -6.64 2.18 -16.87
N VAL C 107 -5.32 2.28 -16.78
CA VAL C 107 -4.55 3.12 -17.71
C VAL C 107 -4.72 2.58 -19.14
N THR C 108 -4.73 1.25 -19.27
CA THR C 108 -4.86 0.61 -20.58
C THR C 108 -6.20 0.96 -21.24
N LEU C 109 -7.28 0.93 -20.45
CA LEU C 109 -8.60 1.28 -20.98
C LEU C 109 -8.63 2.75 -21.37
N ALA C 110 -7.99 3.60 -20.57
CA ALA C 110 -7.97 5.02 -20.85
C ALA C 110 -7.29 5.33 -22.19
N THR C 111 -6.29 4.55 -22.58
CA THR C 111 -5.61 4.79 -23.84
C THR C 111 -6.35 4.21 -25.04
N HIS C 112 -7.31 3.33 -24.77
CA HIS C 112 -8.06 2.69 -25.84
C HIS C 112 -9.50 3.18 -26.01
N LEU C 113 -10.23 3.33 -24.91
CA LEU C 113 -11.62 3.76 -24.97
C LEU C 113 -11.83 5.19 -25.50
N THR C 114 -12.95 5.36 -26.22
CA THR C 114 -13.33 6.65 -26.80
C THR C 114 -13.84 7.56 -25.68
N GLU C 115 -14.57 6.96 -24.75
CA GLU C 115 -15.11 7.67 -23.61
C GLU C 115 -14.71 6.95 -22.32
N PHE C 116 -13.95 7.63 -21.47
CA PHE C 116 -13.51 7.05 -20.21
C PHE C 116 -13.71 8.13 -19.12
N SER C 117 -14.97 8.51 -18.93
CA SER C 117 -15.33 9.53 -17.96
C SER C 117 -15.04 9.09 -16.53
N PRO C 118 -14.98 10.05 -15.60
CA PRO C 118 -14.72 9.70 -14.21
C PRO C 118 -15.79 8.73 -13.71
N ASP C 119 -17.00 8.84 -14.27
CA ASP C 119 -18.12 7.98 -13.90
C ASP C 119 -17.87 6.56 -14.37
N THR C 120 -17.31 6.41 -15.56
CA THR C 120 -16.99 5.10 -16.10
C THR C 120 -15.76 4.54 -15.37
N HIS C 121 -14.79 5.41 -15.09
CA HIS C 121 -13.55 5.06 -14.36
C HIS C 121 -13.95 4.50 -12.98
N CYS C 122 -14.85 5.20 -12.29
CA CYS C 122 -15.31 4.77 -10.96
C CYS C 122 -15.97 3.39 -10.95
N ALA C 123 -16.82 3.11 -11.93
CA ALA C 123 -17.49 1.80 -12.03
C ALA C 123 -16.51 0.66 -12.25
N VAL C 124 -15.50 0.90 -13.10
CA VAL C 124 -14.49 -0.09 -13.41
C VAL C 124 -13.59 -0.32 -12.19
N ASP C 125 -13.25 0.77 -11.51
CA ASP C 125 -12.40 0.67 -10.33
C ASP C 125 -13.09 -0.13 -9.23
N LYS C 126 -14.40 0.07 -9.10
CA LYS C 126 -15.17 -0.64 -8.11
C LYS C 126 -15.23 -2.13 -8.46
N LEU C 127 -15.27 -2.46 -9.75
CA LEU C 127 -15.30 -3.86 -10.17
C LEU C 127 -13.94 -4.51 -9.93
N LEU C 128 -12.87 -3.80 -10.27
CA LEU C 128 -11.51 -4.32 -10.08
C LEU C 128 -11.20 -4.46 -8.59
N SER C 129 -11.75 -3.57 -7.78
CA SER C 129 -11.54 -3.60 -6.33
C SER C 129 -12.18 -4.85 -5.73
N ALA C 130 -13.39 -5.18 -6.19
CA ALA C 130 -14.12 -6.35 -5.72
C ALA C 130 -13.43 -7.67 -6.13
N ILE C 131 -12.84 -7.66 -7.32
CA ILE C 131 -12.14 -8.83 -7.82
C ILE C 131 -10.86 -9.04 -7.01
N CYS C 132 -10.16 -7.95 -6.72
CA CYS C 132 -8.93 -8.02 -5.93
C CYS C 132 -9.26 -8.50 -4.52
N GLN C 133 -10.41 -8.07 -4.01
CA GLN C 133 -10.88 -8.46 -2.68
C GLN C 133 -11.10 -9.97 -2.62
N GLU C 134 -11.76 -10.52 -3.64
CA GLU C 134 -12.03 -11.95 -3.68
C GLU C 134 -10.76 -12.78 -3.94
N LEU C 135 -9.88 -12.29 -4.80
CA LEU C 135 -8.64 -13.02 -5.11
C LEU C 135 -7.63 -13.14 -3.97
N SER C 136 -7.78 -12.30 -2.95
CA SER C 136 -6.89 -12.32 -1.80
C SER C 136 -7.56 -12.90 -0.56
N SER C 137 -8.78 -13.41 -0.73
CA SER C 137 -9.56 -13.95 0.39
C SER C 137 -9.23 -15.36 0.88
N ARG C 138 -8.47 -16.12 0.10
CA ARG C 138 -8.15 -17.49 0.50
C ARG C 138 -6.66 -17.78 0.65
N TYR C 139 -5.91 -16.85 1.21
CA TYR C 139 -4.49 -17.04 1.42
C TYR C 139 -4.24 -17.64 2.80
N ARG C 140 -5.08 -17.25 3.76
CA ARG C 140 -4.96 -17.74 5.13
C ARG C 140 -6.33 -17.67 5.80
N VAL D 1 18.03 11.56 -7.40
CA VAL D 1 17.50 10.88 -8.61
C VAL D 1 18.26 11.32 -9.87
N HIS D 2 18.64 10.36 -10.70
CA HIS D 2 19.35 10.65 -11.94
C HIS D 2 18.37 10.49 -13.09
N TRP D 3 18.23 11.52 -13.90
CA TRP D 3 17.31 11.48 -15.02
C TRP D 3 18.07 11.31 -16.34
N THR D 4 17.70 10.29 -17.11
CA THR D 4 18.33 10.05 -18.39
C THR D 4 17.95 11.18 -19.32
N GLN D 5 18.61 11.27 -20.47
CA GLN D 5 18.32 12.32 -21.43
C GLN D 5 16.91 12.13 -21.97
N GLU D 6 16.50 10.87 -22.11
CA GLU D 6 15.18 10.52 -22.62
C GLU D 6 14.01 10.99 -21.74
N GLU D 7 14.16 10.82 -20.43
CA GLU D 7 13.11 11.21 -19.49
C GLU D 7 13.00 12.74 -19.35
N ARG D 8 14.13 13.42 -19.24
CA ARG D 8 14.15 14.87 -19.09
C ARG D 8 13.37 15.54 -20.20
N ASP D 9 13.54 15.05 -21.43
CA ASP D 9 12.86 15.61 -22.59
C ASP D 9 11.37 15.28 -22.61
N GLU D 10 11.04 14.03 -22.28
CA GLU D 10 9.66 13.58 -22.24
C GLU D 10 8.84 14.50 -21.34
N ILE D 11 9.35 14.73 -20.14
CA ILE D 11 8.67 15.57 -19.16
C ILE D 11 8.59 17.04 -19.57
N SER D 12 9.74 17.65 -19.86
CA SER D 12 9.77 19.06 -20.24
C SER D 12 9.03 19.35 -21.54
N LYS D 13 9.18 18.48 -22.53
CA LYS D 13 8.50 18.67 -23.81
C LYS D 13 6.98 18.68 -23.64
N THR D 14 6.48 17.86 -22.72
CA THR D 14 5.05 17.79 -22.47
C THR D 14 4.53 19.05 -21.80
N PHE D 15 5.21 19.50 -20.75
CA PHE D 15 4.78 20.70 -20.07
C PHE D 15 4.90 21.87 -21.02
N GLN D 16 5.70 21.68 -22.06
CA GLN D 16 5.90 22.71 -23.06
C GLN D 16 4.85 22.59 -24.14
N GLY D 17 4.86 21.46 -24.84
CA GLY D 17 3.91 21.25 -25.93
C GLY D 17 2.51 20.79 -25.57
N THR D 18 2.15 20.80 -24.29
CA THR D 18 0.82 20.36 -23.89
C THR D 18 0.08 21.29 -22.93
N ASP D 19 -1.25 21.29 -23.04
CA ASP D 19 -2.12 22.09 -22.20
C ASP D 19 -2.28 21.34 -20.87
N MET D 20 -1.28 21.49 -19.99
CA MET D 20 -1.26 20.80 -18.71
C MET D 20 -2.27 21.34 -17.70
N LYS D 21 -2.74 22.57 -17.88
CA LYS D 21 -3.71 23.14 -16.97
C LYS D 21 -5.07 22.46 -17.15
N THR D 22 -5.39 22.07 -18.38
CA THR D 22 -6.65 21.41 -18.67
C THR D 22 -6.56 19.95 -18.20
N VAL D 23 -5.39 19.34 -18.40
CA VAL D 23 -5.18 17.97 -17.98
C VAL D 23 -5.38 17.83 -16.47
N VAL D 24 -4.78 18.72 -15.70
CA VAL D 24 -4.91 18.66 -14.25
C VAL D 24 -6.29 19.08 -13.75
N THR D 25 -7.00 19.91 -14.53
CA THR D 25 -8.34 20.33 -14.14
C THR D 25 -9.25 19.10 -14.21
N GLN D 26 -9.09 18.33 -15.27
CA GLN D 26 -9.87 17.11 -15.47
C GLN D 26 -9.41 16.03 -14.50
N ALA D 27 -8.10 16.02 -14.20
CA ALA D 27 -7.54 15.05 -13.27
C ALA D 27 -8.14 15.32 -11.90
N LEU D 28 -8.29 16.59 -11.56
CA LEU D 28 -8.88 16.97 -10.28
C LEU D 28 -10.34 16.52 -10.22
N ASP D 29 -11.08 16.76 -11.30
CA ASP D 29 -12.48 16.38 -11.35
C ASP D 29 -12.59 14.86 -11.30
N ARG D 30 -11.64 14.18 -11.95
CA ARG D 30 -11.63 12.72 -11.95
C ARG D 30 -11.36 12.19 -10.55
N MET D 31 -10.43 12.81 -9.84
CA MET D 31 -10.09 12.39 -8.49
C MET D 31 -11.25 12.59 -7.51
N PHE D 32 -12.03 13.66 -7.70
CA PHE D 32 -13.17 13.95 -6.84
C PHE D 32 -14.31 12.94 -6.99
N LYS D 33 -14.39 12.30 -8.15
CA LYS D 33 -15.43 11.31 -8.40
C LYS D 33 -14.97 9.90 -8.04
N VAL D 34 -13.74 9.54 -8.43
CA VAL D 34 -13.22 8.20 -8.15
C VAL D 34 -12.83 7.99 -6.68
N TYR D 35 -12.26 9.02 -6.05
CA TYR D 35 -11.85 8.97 -4.64
C TYR D 35 -12.58 10.11 -3.91
N PRO D 36 -13.90 9.96 -3.71
CA PRO D 36 -14.79 10.94 -3.04
C PRO D 36 -14.32 11.60 -1.74
N TRP D 37 -13.50 10.92 -0.95
CA TRP D 37 -13.03 11.49 0.31
C TRP D 37 -12.06 12.66 0.15
N THR D 38 -11.50 12.84 -1.04
CA THR D 38 -10.56 13.95 -1.26
C THR D 38 -11.29 15.29 -1.34
N ASN D 39 -12.62 15.22 -1.42
CA ASN D 39 -13.48 16.42 -1.47
C ASN D 39 -13.51 17.16 -0.14
N ARG D 40 -13.20 16.46 0.93
CA ARG D 40 -13.22 17.03 2.28
C ARG D 40 -12.43 18.32 2.46
N TYR D 41 -11.32 18.44 1.74
CA TYR D 41 -10.48 19.63 1.85
C TYR D 41 -11.06 20.87 1.21
N PHE D 42 -12.10 20.71 0.39
CA PHE D 42 -12.69 21.84 -0.30
C PHE D 42 -14.16 22.06 0.02
N GLN D 43 -14.72 21.23 0.90
CA GLN D 43 -16.13 21.35 1.25
C GLN D 43 -16.48 22.66 1.94
N LYS D 44 -15.51 23.29 2.59
CA LYS D 44 -15.77 24.56 3.26
C LYS D 44 -15.27 25.76 2.46
N ARG D 45 -14.53 25.50 1.39
CA ARG D 45 -14.01 26.57 0.54
C ARG D 45 -15.10 26.93 -0.46
N THR D 46 -15.96 27.85 -0.06
CA THR D 46 -17.10 28.31 -0.86
C THR D 46 -16.84 28.82 -2.29
N ASP D 47 -15.66 29.40 -2.52
CA ASP D 47 -15.32 29.95 -3.83
C ASP D 47 -14.39 29.05 -4.65
N PHE D 48 -14.38 27.75 -4.35
CA PHE D 48 -13.50 26.83 -5.05
C PHE D 48 -13.86 26.57 -6.51
N ARG D 49 -12.83 26.54 -7.35
CA ARG D 49 -12.98 26.26 -8.77
C ARG D 49 -11.87 25.30 -9.17
N SER D 50 -12.23 24.21 -9.84
CA SER D 50 -11.25 23.22 -10.27
C SER D 50 -10.19 23.78 -11.21
N SER D 51 -10.61 24.60 -12.17
CA SER D 51 -9.68 25.17 -13.14
C SER D 51 -8.68 26.17 -12.54
N ILE D 52 -9.09 26.87 -11.50
CA ILE D 52 -8.22 27.83 -10.85
C ILE D 52 -7.17 27.05 -10.07
N HIS D 53 -7.63 26.13 -9.23
CA HIS D 53 -6.73 25.31 -8.42
C HIS D 53 -5.73 24.55 -9.28
N ALA D 54 -6.17 24.09 -10.45
CA ALA D 54 -5.30 23.34 -11.36
C ALA D 54 -4.14 24.19 -11.88
N GLY D 55 -4.40 25.45 -12.20
CA GLY D 55 -3.35 26.31 -12.70
C GLY D 55 -2.29 26.50 -11.63
N ILE D 56 -2.75 26.54 -10.39
CA ILE D 56 -1.85 26.69 -9.25
C ILE D 56 -1.06 25.40 -9.05
N VAL D 57 -1.72 24.26 -9.20
CA VAL D 57 -1.04 22.98 -9.03
C VAL D 57 -0.01 22.80 -10.16
N VAL D 58 -0.41 23.13 -11.39
CA VAL D 58 0.49 23.01 -12.54
C VAL D 58 1.68 23.94 -12.38
N GLY D 59 1.45 25.07 -11.70
CA GLY D 59 2.52 26.01 -11.48
C GLY D 59 3.67 25.38 -10.72
N ALA D 60 3.37 24.64 -9.66
CA ALA D 60 4.40 23.99 -8.85
C ALA D 60 5.11 22.87 -9.60
N LEU D 61 4.36 22.14 -10.42
CA LEU D 61 4.92 21.03 -11.20
C LEU D 61 5.88 21.56 -12.25
N GLN D 62 5.51 22.69 -12.86
CA GLN D 62 6.33 23.34 -13.87
C GLN D 62 7.63 23.78 -13.21
N ASP D 63 7.52 24.23 -11.96
CA ASP D 63 8.68 24.66 -11.21
C ASP D 63 9.53 23.45 -10.83
N ALA D 64 8.86 22.32 -10.63
CA ALA D 64 9.55 21.07 -10.27
C ALA D 64 10.30 20.53 -11.47
N VAL D 65 9.78 20.80 -12.65
CA VAL D 65 10.43 20.34 -13.87
C VAL D 65 11.64 21.22 -14.18
N LYS D 66 11.51 22.52 -13.89
CA LYS D 66 12.60 23.46 -14.13
C LYS D 66 13.77 23.07 -13.22
N HIS D 67 13.43 22.59 -12.03
CA HIS D 67 14.42 22.18 -11.04
C HIS D 67 14.29 20.67 -10.80
N MET D 68 14.13 19.92 -11.88
CA MET D 68 14.00 18.46 -11.78
C MET D 68 15.13 17.77 -11.04
N ASP D 69 16.25 18.47 -10.87
CA ASP D 69 17.41 17.89 -10.19
C ASP D 69 17.33 17.96 -8.68
N ASP D 70 16.50 18.86 -8.15
CA ASP D 70 16.36 19.01 -6.70
C ASP D 70 14.96 19.46 -6.30
N VAL D 71 13.95 18.64 -6.61
CA VAL D 71 12.57 18.95 -6.28
C VAL D 71 12.37 18.99 -4.76
N LYS D 72 13.05 18.09 -4.07
CA LYS D 72 12.98 17.98 -2.63
C LYS D 72 13.21 19.31 -1.93
N THR D 73 14.32 19.95 -2.27
CA THR D 73 14.69 21.25 -1.69
C THR D 73 13.67 22.33 -2.09
N LEU D 74 13.31 22.34 -3.37
CA LEU D 74 12.35 23.29 -3.91
C LEU D 74 11.01 23.24 -3.20
N PHE D 75 10.49 22.02 -3.00
CA PHE D 75 9.18 21.80 -2.37
C PHE D 75 9.13 21.83 -0.85
N LYS D 76 10.25 22.12 -0.20
CA LYS D 76 10.28 22.16 1.26
C LYS D 76 9.17 23.00 1.88
N ASP D 77 9.03 24.25 1.43
CA ASP D 77 8.00 25.12 1.98
C ASP D 77 6.60 24.66 1.62
N LEU D 78 6.43 24.20 0.39
CA LEU D 78 5.12 23.73 -0.07
C LEU D 78 4.71 22.50 0.74
N SER D 79 5.68 21.66 1.08
CA SER D 79 5.40 20.46 1.86
C SER D 79 4.95 20.84 3.27
N LYS D 80 5.61 21.82 3.86
CA LYS D 80 5.26 22.29 5.20
C LYS D 80 3.87 22.92 5.21
N LYS D 81 3.50 23.55 4.10
CA LYS D 81 2.19 24.18 3.95
C LYS D 81 1.10 23.11 4.01
N HIS D 82 1.28 22.05 3.23
CA HIS D 82 0.30 20.96 3.19
C HIS D 82 0.22 20.21 4.50
N ALA D 83 1.36 20.10 5.18
CA ALA D 83 1.42 19.40 6.45
C ALA D 83 0.89 20.22 7.62
N ASP D 84 1.45 21.41 7.82
CA ASP D 84 1.05 22.26 8.93
C ASP D 84 -0.17 23.16 8.80
N ASP D 85 -0.35 23.79 7.64
CA ASP D 85 -1.48 24.69 7.44
C ASP D 85 -2.71 24.03 6.83
N LEU D 86 -2.51 23.29 5.75
CA LEU D 86 -3.63 22.66 5.07
C LEU D 86 -4.07 21.31 5.64
N HIS D 87 -3.16 20.63 6.34
CA HIS D 87 -3.46 19.34 6.95
C HIS D 87 -4.01 18.31 5.95
N VAL D 88 -3.32 18.20 4.81
CA VAL D 88 -3.72 17.25 3.79
C VAL D 88 -3.03 15.91 4.05
N ASP D 89 -3.83 14.84 4.01
CA ASP D 89 -3.31 13.49 4.21
C ASP D 89 -2.30 13.24 3.08
N PRO D 90 -1.01 13.02 3.44
CA PRO D 90 0.01 12.79 2.41
C PRO D 90 -0.25 11.53 1.60
N GLY D 91 -1.04 10.62 2.16
CA GLY D 91 -1.37 9.39 1.46
C GLY D 91 -2.34 9.62 0.33
N SER D 92 -2.85 10.84 0.22
CA SER D 92 -3.80 11.18 -0.83
C SER D 92 -3.12 11.82 -2.04
N PHE D 93 -1.86 12.21 -1.90
CA PHE D 93 -1.12 12.84 -3.01
C PHE D 93 -1.12 12.01 -4.29
N HIS D 94 -0.86 10.71 -4.17
CA HIS D 94 -0.81 9.86 -5.35
C HIS D 94 -2.17 9.65 -6.06
N LEU D 95 -3.28 9.93 -5.37
CA LEU D 95 -4.62 9.78 -5.98
C LEU D 95 -4.78 10.83 -7.10
N LEU D 96 -4.18 12.01 -6.92
CA LEU D 96 -4.24 13.07 -7.93
C LEU D 96 -3.25 12.76 -9.07
N THR D 97 -2.01 12.44 -8.72
CA THR D 97 -1.00 12.14 -9.73
C THR D 97 -1.40 10.91 -10.55
N ASP D 98 -2.08 9.95 -9.92
CA ASP D 98 -2.54 8.75 -10.61
C ASP D 98 -3.62 9.14 -11.62
N CYS D 99 -4.43 10.14 -11.26
CA CYS D 99 -5.49 10.59 -12.15
C CYS D 99 -4.91 11.46 -13.26
N ILE D 100 -3.77 12.09 -13.01
CA ILE D 100 -3.14 12.91 -14.03
C ILE D 100 -2.61 11.94 -15.09
N ILE D 101 -2.11 10.79 -14.64
CA ILE D 101 -1.59 9.79 -15.55
C ILE D 101 -2.72 9.21 -16.42
N VAL D 102 -3.91 9.04 -15.83
CA VAL D 102 -5.07 8.53 -16.59
C VAL D 102 -5.50 9.55 -17.66
N GLU D 103 -5.39 10.83 -17.34
CA GLU D 103 -5.76 11.88 -18.28
C GLU D 103 -4.72 11.96 -19.42
N LEU D 104 -3.44 11.77 -19.07
CA LEU D 104 -2.37 11.79 -20.05
C LEU D 104 -2.51 10.61 -21.01
N ALA D 105 -2.92 9.47 -20.47
CA ALA D 105 -3.12 8.25 -21.26
C ALA D 105 -4.35 8.38 -22.16
N TYR D 106 -5.41 8.98 -21.64
CA TYR D 106 -6.62 9.17 -22.41
C TYR D 106 -6.35 10.20 -23.50
N LEU D 107 -5.44 11.12 -23.22
CA LEU D 107 -5.08 12.16 -24.16
C LEU D 107 -4.16 11.63 -25.26
N ARG D 108 -3.07 10.97 -24.88
CA ARG D 108 -2.11 10.44 -25.87
C ARG D 108 -2.51 9.09 -26.45
N LYS D 109 -3.63 8.52 -25.98
CA LYS D 109 -4.11 7.24 -26.47
C LYS D 109 -2.98 6.21 -26.63
N ASP D 110 -2.76 5.73 -27.84
CA ASP D 110 -1.73 4.72 -28.07
C ASP D 110 -0.28 5.24 -27.97
N CYS D 111 -0.11 6.55 -27.86
CA CYS D 111 1.23 7.11 -27.75
C CYS D 111 1.73 7.05 -26.31
N PHE D 112 0.82 6.83 -25.37
CA PHE D 112 1.19 6.73 -23.96
C PHE D 112 1.52 5.27 -23.71
N THR D 113 2.72 4.87 -24.15
CA THR D 113 3.20 3.50 -24.04
C THR D 113 3.65 3.15 -22.62
N PRO D 114 3.72 1.85 -22.29
CA PRO D 114 4.15 1.42 -20.95
C PRO D 114 5.46 2.08 -20.52
N HIS D 115 6.37 2.22 -21.48
CA HIS D 115 7.67 2.82 -21.23
C HIS D 115 7.53 4.33 -20.93
N ILE D 116 6.65 5.01 -21.67
CA ILE D 116 6.42 6.43 -21.45
C ILE D 116 5.73 6.61 -20.08
N GLN D 117 4.80 5.72 -19.77
CA GLN D 117 4.09 5.78 -18.49
C GLN D 117 5.07 5.63 -17.32
N GLY D 118 6.12 4.81 -17.53
CA GLY D 118 7.11 4.60 -16.50
C GLY D 118 7.85 5.89 -16.20
N ILE D 119 8.02 6.71 -17.21
CA ILE D 119 8.70 7.99 -17.06
C ILE D 119 7.89 8.88 -16.15
N TRP D 120 6.60 9.00 -16.44
CA TRP D 120 5.71 9.81 -15.64
C TRP D 120 5.53 9.26 -14.24
N ASP D 121 5.53 7.93 -14.13
CA ASP D 121 5.38 7.27 -12.84
C ASP D 121 6.55 7.64 -11.93
N LYS D 122 7.77 7.61 -12.47
CA LYS D 122 8.97 7.93 -11.71
C LYS D 122 8.98 9.42 -11.35
N PHE D 123 8.49 10.26 -12.27
CA PHE D 123 8.44 11.69 -12.01
C PHE D 123 7.49 12.02 -10.86
N PHE D 124 6.27 11.48 -10.89
CA PHE D 124 5.30 11.73 -9.83
C PHE D 124 5.70 11.07 -8.51
N GLU D 125 6.56 10.07 -8.60
CA GLU D 125 7.07 9.39 -7.41
C GLU D 125 8.02 10.38 -6.72
N VAL D 126 8.87 11.02 -7.52
CA VAL D 126 9.82 12.00 -7.00
C VAL D 126 9.07 13.21 -6.42
N VAL D 127 8.00 13.62 -7.10
CA VAL D 127 7.19 14.75 -6.67
C VAL D 127 6.42 14.45 -5.38
N ILE D 128 5.85 13.25 -5.28
CA ILE D 128 5.10 12.87 -4.07
C ILE D 128 6.07 12.77 -2.88
N ASP D 129 7.27 12.27 -3.13
CA ASP D 129 8.27 12.16 -2.07
C ASP D 129 8.71 13.55 -1.61
N ALA D 130 8.85 14.49 -2.54
CA ALA D 130 9.26 15.85 -2.21
C ALA D 130 8.19 16.61 -1.43
N ILE D 131 6.93 16.47 -1.83
CA ILE D 131 5.84 17.17 -1.15
C ILE D 131 5.45 16.51 0.18
N SER D 132 5.94 15.31 0.44
CA SER D 132 5.63 14.60 1.68
C SER D 132 6.76 14.65 2.70
N LYS D 133 7.92 15.17 2.28
CA LYS D 133 9.12 15.25 3.13
C LYS D 133 8.97 15.92 4.50
N GLN D 134 8.33 17.08 4.56
CA GLN D 134 8.20 17.80 5.82
C GLN D 134 7.12 17.37 6.79
N TYR D 135 6.48 16.22 6.55
CA TYR D 135 5.46 15.74 7.47
C TYR D 135 6.19 15.05 8.64
N HIS D 136 6.15 15.65 9.83
CA HIS D 136 6.83 15.08 10.99
C HIS D 136 5.89 14.80 12.17
CHA HEM E . -14.00 8.38 14.96
CHB HEM E . -13.39 3.56 15.22
CHC HEM E . -9.53 3.94 12.23
CHD HEM E . -10.04 8.76 12.14
C1A HEM E . -14.18 7.02 15.26
C2A HEM E . -15.12 6.48 16.22
C3A HEM E . -14.93 5.16 16.34
C4A HEM E . -13.86 4.85 15.42
CMA HEM E . -15.73 4.18 17.20
CAA HEM E . -16.19 7.26 16.96
CBA HEM E . -17.25 7.63 15.96
CGA HEM E . -18.31 8.53 16.55
O1A HEM E . -17.96 9.58 17.12
O2A HEM E . -19.51 8.17 16.43
C1B HEM E . -12.32 3.25 14.37
C2B HEM E . -11.78 1.90 14.19
C3B HEM E . -10.72 1.99 13.32
C4B HEM E . -10.60 3.41 12.99
CMB HEM E . -12.36 0.62 14.80
CAB HEM E . -9.96 0.94 12.79
CBB HEM E . -9.37 -0.06 13.57
C1C HEM E . -9.33 5.29 11.99
C2C HEM E . -8.14 5.83 11.34
C3C HEM E . -8.31 7.19 11.30
C4C HEM E . -9.57 7.47 11.93
CMC HEM E . -6.94 5.01 10.88
CAC HEM E . -7.50 8.16 10.72
CBC HEM E . -6.11 8.26 10.87
C1D HEM E . -11.20 9.06 12.85
C2D HEM E . -11.62 10.42 13.11
C3D HEM E . -12.68 10.31 13.93
C4D HEM E . -12.97 8.89 14.16
CMD HEM E . -11.01 11.71 12.55
CAD HEM E . -13.42 11.49 14.53
CBD HEM E . -12.80 11.79 15.88
CGD HEM E . -13.68 12.70 16.73
O1D HEM E . -14.91 12.72 16.50
O2D HEM E . -13.13 13.39 17.61
NA HEM E . -13.39 5.99 14.74
NB HEM E . -11.61 4.18 13.60
NC HEM E . -10.22 6.31 12.36
ND HEM E . -12.06 8.11 13.46
FE HEM E . -11.99 6.11 13.32
CHA HEM F . 19.21 -15.45 0.70
CHB HEM F . 19.52 -11.31 3.23
CHC HEM F . 14.67 -10.94 3.12
CHD HEM F . 14.37 -15.02 0.51
C1A HEM F . 19.69 -14.35 1.43
C2A HEM F . 21.08 -14.15 1.78
C3A HEM F . 21.16 -12.99 2.48
C4A HEM F . 19.82 -12.49 2.60
CMA HEM F . 22.42 -12.31 2.99
CAA HEM F . 22.25 -15.02 1.45
CBA HEM F . 22.79 -14.59 0.11
CGA HEM F . 23.51 -15.70 -0.60
O1A HEM F . 24.67 -15.48 -1.02
O2A HEM F . 22.93 -16.80 -0.74
C1B HEM F . 18.24 -10.81 3.36
C2B HEM F . 17.95 -9.62 4.11
C3B HEM F . 16.56 -9.53 4.16
C4B HEM F . 16.03 -10.65 3.34
CMB HEM F . 18.99 -8.65 4.70
CAB HEM F . 15.84 -8.59 4.90
CBB HEM F . 14.83 -7.76 4.36
C1C HEM F . 14.15 -12.01 2.36
C2C HEM F . 12.73 -12.34 2.23
C3C HEM F . 12.66 -13.44 1.42
C4C HEM F . 14.04 -13.84 1.15
CMC HEM F . 11.54 -11.66 2.91
CAC HEM F . 11.53 -14.05 0.86
CBC HEM F . 10.35 -14.35 1.56
C1D HEM F . 15.67 -15.45 0.32
C2D HEM F . 15.98 -16.72 -0.29
C3D HEM F . 17.32 -16.87 -0.21
C4D HEM F . 17.85 -15.65 0.39
CMD HEM F . 14.98 -17.67 -0.96
CAD HEM F . 18.13 -18.09 -0.64
CBD HEM F . 17.80 -19.30 0.23
CGD HEM F . 19.01 -20.18 0.47
O1D HEM F . 18.99 -20.92 1.47
O2D HEM F . 19.96 -20.14 -0.34
NA HEM F . 18.90 -13.31 1.91
NB HEM F . 17.08 -11.42 2.85
NC HEM F . 14.96 -12.94 1.68
ND HEM F . 16.81 -14.79 0.73
FE HEM F . 16.96 -12.97 1.56
CHA HEM G . -2.50 -17.39 -13.54
CHB HEM G . -6.29 -14.26 -13.47
CHC HEM G . -3.49 -11.02 -11.11
CHD HEM G . 0.33 -14.10 -11.25
C1A HEM G . -3.79 -16.81 -13.71
C2A HEM G . -4.93 -17.46 -14.39
C3A HEM G . -5.95 -16.58 -14.40
C4A HEM G . -5.49 -15.37 -13.70
CMA HEM G . -7.32 -16.83 -15.01
CAA HEM G . -5.00 -18.89 -14.92
CBA HEM G . -5.79 -19.77 -13.97
CGA HEM G . -5.55 -21.26 -14.19
O1A HEM G . -5.12 -21.64 -15.29
O2A HEM G . -5.80 -22.04 -13.25
C1B HEM G . -5.90 -13.17 -12.69
C2B HEM G . -6.73 -12.01 -12.43
C3B HEM G . -5.96 -11.06 -11.85
C4B HEM G . -4.64 -11.68 -11.65
CMB HEM G . -8.24 -11.89 -12.71
CAB HEM G . -6.36 -9.74 -11.72
CBB HEM G . -6.18 -8.92 -10.58
C1C HEM G . -2.19 -11.58 -10.93
C2C HEM G . -0.97 -10.82 -10.60
C3C HEM G . 0.12 -11.66 -10.62
C4C HEM G . -0.45 -12.97 -11.00
CMC HEM G . -0.91 -9.32 -10.33
CAC HEM G . 1.46 -11.36 -10.30
CBC HEM G . 2.20 -10.25 -10.72
C1D HEM G . -0.16 -15.30 -11.79
C2D HEM G . 0.72 -16.43 -12.11
C3D HEM G . -0.08 -17.36 -12.73
C4D HEM G . -1.44 -16.81 -12.81
CMD HEM G . 2.22 -16.54 -11.86
CAD HEM G . 0.41 -18.68 -13.28
CBD HEM G . 0.74 -18.54 -14.75
CGD HEM G . 1.47 -19.74 -15.31
O1D HEM G . 2.17 -20.42 -14.53
O2D HEM G . 1.33 -20.01 -16.51
NA HEM G . -4.18 -15.55 -13.22
NB HEM G . -4.62 -13.00 -12.14
NC HEM G . -1.87 -12.93 -11.22
ND HEM G . -1.51 -15.56 -12.17
FE HEM G . -3.15 -14.38 -11.94
CHA HEM H . -2.73 24.41 -2.18
CHB HEM H . 0.46 22.14 -5.04
CHC HEM H . -1.83 17.94 -4.29
CHD HEM H . -4.99 20.21 -1.38
C1A HEM H . -1.61 24.11 -2.96
C2A HEM H . -0.66 25.10 -3.46
C3A HEM H . 0.16 24.49 -4.33
C4A HEM H . -0.23 23.09 -4.34
CMA HEM H . 1.25 25.15 -5.18
CAA HEM H . -0.53 26.54 -3.05
CBA HEM H . 0.10 26.76 -1.69
CGA HEM H . 0.03 28.21 -1.26
O1A HEM H . -1.02 28.63 -0.73
O2A HEM H . 1.03 28.93 -1.47
C1B HEM H . 0.17 20.79 -4.99
C2B HEM H . 0.89 19.83 -5.79
C3B HEM H . 0.25 18.66 -5.61
C4B HEM H . -0.89 18.90 -4.71
CMB HEM H . 2.12 20.05 -6.66
CAB HEM H . 0.67 17.47 -6.22
CBB HEM H . 1.52 16.56 -5.59
C1C HEM H . -2.85 18.19 -3.37
C2C HEM H . -3.88 17.22 -3.02
C3C HEM H . -4.76 17.84 -2.18
C4C HEM H . -4.27 19.20 -2.03
CMC HEM H . -3.96 15.79 -3.51
CAC HEM H . -5.88 17.27 -1.53
CBC HEM H . -6.84 16.43 -2.12
C1D HEM H . -4.65 21.54 -1.37
C2D HEM H . -5.45 22.56 -0.74
C3D HEM H . -4.86 23.77 -0.99
C4D HEM H . -3.63 23.46 -1.72
CMD HEM H . -6.68 22.31 0.13
CAD HEM H . -5.47 25.15 -0.70
CBD HEM H . -6.14 25.66 -1.97
CGD HEM H . -7.04 26.86 -1.72
O1D HEM H . -6.79 27.60 -0.76
O2D HEM H . -7.99 27.05 -2.50
NA HEM H . -1.29 22.84 -3.44
NB HEM H . -0.91 20.23 -4.27
NC HEM H . -3.10 19.41 -2.74
ND HEM H . -3.51 22.08 -1.97
FE HEM H . -2.07 21.08 -2.87
#